data_7ZVV
#
_entry.id   7ZVV
#
_cell.length_a   49.635
_cell.length_b   60.645
_cell.length_c   80.388
_cell.angle_alpha   90.000
_cell.angle_beta   90.000
_cell.angle_gamma   90.000
#
_symmetry.space_group_name_H-M   'P 21 21 21'
#
loop_
_entity.id
_entity.type
_entity.pdbx_description
1 polymer 'Serine protease subunit NS2B'
2 polymer 'Serine protease NS3'
3 non-polymer '(2R)-6-azanyl-2-carbamimidamido-hexanoic acid'
4 non-polymer 3-cyclohexyl-D-alanine
5 non-polymer '2-[3-(aminomethyl)phenyl]ethanoic acid'
6 non-polymer 4-cyano-L-phenylalanine
7 non-polymer 3-cyano-L-phenylalanine
8 water water
#
loop_
_entity_poly.entity_id
_entity_poly.type
_entity_poly.pdbx_seq_one_letter_code
_entity_poly.pdbx_strand_id
1 'polypeptide(L)' MTGKSVDMYIERAGDITWEKDAEVTGNSPRLDVALDESGDFSLVEEDGPPMRE A
2 'polypeptide(L)'
;GSGALWDVPAPKEVKKGETTDGVYRVMTRRLLGSTQVGVGVMQEGVFHTMWHVTKGAALRSGEGRLDPYWGDVKQDLVSY
CGPWKLDAAWDGLSEVQLLAVPPGERAKNIQTLPGIFKTKDGDIGAVALDYPAGTSGSPILDKCGRVIGLYGNGVVIKNG
SYVSAITQGKREEETPVE
;
B
#
# COMPACT_ATOMS: atom_id res chain seq x y z
N VAL A 6 21.48 -5.77 7.35
CA VAL A 6 20.73 -5.48 6.12
C VAL A 6 20.43 -3.99 6.03
N ASP A 7 20.85 -3.38 4.92
CA ASP A 7 20.60 -1.95 4.68
C ASP A 7 19.23 -1.78 4.04
N MET A 8 18.23 -1.40 4.84
CA MET A 8 16.90 -1.09 4.31
C MET A 8 16.74 0.42 4.25
N TYR A 9 16.47 0.94 3.05
CA TYR A 9 16.43 2.37 2.84
C TYR A 9 15.30 2.75 1.89
N ILE A 10 14.98 4.05 1.86
CA ILE A 10 13.91 4.53 1.00
C ILE A 10 14.48 5.51 -0.02
N GLU A 11 13.83 5.60 -1.17
CA GLU A 11 14.15 6.60 -2.17
C GLU A 11 12.88 7.12 -2.80
N ARG A 12 12.85 8.43 -3.06
CA ARG A 12 11.66 9.03 -3.65
C ARG A 12 11.36 8.39 -4.99
N ALA A 13 10.07 8.18 -5.25
CA ALA A 13 9.60 7.66 -6.52
C ALA A 13 8.58 8.55 -7.22
N GLY A 14 8.01 9.55 -6.57
CA GLY A 14 7.09 10.43 -7.24
C GLY A 14 6.27 11.27 -6.30
N ASP A 15 5.50 12.17 -6.90
CA ASP A 15 4.51 12.95 -6.18
C ASP A 15 3.21 12.16 -6.12
N ILE A 16 2.44 12.36 -5.05
CA ILE A 16 1.18 11.64 -4.88
C ILE A 16 0.07 12.51 -5.44
N THR A 17 -0.31 12.25 -6.69
CA THR A 17 -1.34 13.03 -7.36
C THR A 17 -2.26 12.10 -8.14
N TRP A 18 -3.52 12.53 -8.28
CA TRP A 18 -4.47 11.90 -9.17
C TRP A 18 -4.13 12.26 -10.61
N GLU A 19 -4.30 11.30 -11.53
CA GLU A 19 -4.00 11.51 -12.94
C GLU A 19 -5.31 11.65 -13.72
N LYS A 20 -5.49 12.80 -14.36
CA LYS A 20 -6.66 13.01 -15.19
C LYS A 20 -6.58 12.13 -16.44
N ASP A 21 -7.75 11.65 -16.89
CA ASP A 21 -7.86 10.81 -18.07
C ASP A 21 -6.96 9.57 -17.96
N ALA A 22 -7.03 8.90 -16.82
CA ALA A 22 -6.23 7.71 -16.58
C ALA A 22 -6.89 6.47 -17.19
N GLU A 23 -6.15 5.37 -17.18
CA GLU A 23 -6.66 4.11 -17.68
C GLU A 23 -7.59 3.47 -16.65
N VAL A 24 -8.79 3.12 -17.07
CA VAL A 24 -9.79 2.45 -16.22
C VAL A 24 -9.74 0.97 -16.54
N THR A 25 -9.33 0.16 -15.56
CA THR A 25 -9.03 -1.24 -15.78
C THR A 25 -9.44 -2.04 -14.55
N GLY A 26 -9.75 -3.31 -14.77
CA GLY A 26 -10.02 -4.22 -13.68
C GLY A 26 -11.50 -4.32 -13.36
N ASN A 27 -11.87 -5.44 -12.77
CA ASN A 27 -13.25 -5.65 -12.41
C ASN A 27 -13.48 -5.22 -10.95
N SER A 28 -14.65 -5.54 -10.42
CA SER A 28 -15.08 -5.07 -9.09
C SER A 28 -15.71 -6.23 -8.34
N PRO A 29 -14.89 -7.19 -7.91
CA PRO A 29 -15.44 -8.42 -7.33
C PRO A 29 -15.95 -8.20 -5.91
N ARG A 30 -17.02 -8.91 -5.57
CA ARG A 30 -17.54 -8.92 -4.20
C ARG A 30 -17.29 -10.31 -3.62
N LEU A 31 -16.46 -10.37 -2.58
CA LEU A 31 -15.89 -11.63 -2.10
C LEU A 31 -16.08 -11.74 -0.60
N ASP A 32 -16.53 -12.90 -0.15
CA ASP A 32 -16.60 -13.19 1.28
C ASP A 32 -15.22 -13.65 1.74
N VAL A 33 -14.61 -12.92 2.69
CA VAL A 33 -13.26 -13.25 3.12
C VAL A 33 -13.17 -13.23 4.65
N ALA A 34 -12.14 -13.90 5.16
CA ALA A 34 -11.80 -13.93 6.57
C ALA A 34 -10.36 -13.46 6.76
N LEU A 35 -10.08 -12.98 7.98
CA LEU A 35 -8.78 -12.40 8.31
C LEU A 35 -8.32 -13.03 9.62
N ASP A 36 -7.12 -13.60 9.64
CA ASP A 36 -6.64 -14.23 10.86
C ASP A 36 -5.70 -13.28 11.60
N GLU A 37 -5.29 -13.72 12.79
CA GLU A 37 -4.46 -12.87 13.65
C GLU A 37 -3.10 -12.55 13.04
N SER A 38 -2.63 -13.33 12.07
CA SER A 38 -1.40 -13.02 11.36
C SER A 38 -1.58 -12.01 10.25
N GLY A 39 -2.80 -11.55 10.01
CA GLY A 39 -3.03 -10.56 8.96
C GLY A 39 -3.21 -11.15 7.59
N ASP A 40 -3.63 -12.42 7.49
CA ASP A 40 -3.78 -13.08 6.20
C ASP A 40 -5.24 -13.20 5.85
N PHE A 41 -5.60 -12.69 4.67
CA PHE A 41 -6.94 -12.92 4.15
C PHE A 41 -7.05 -14.29 3.51
N SER A 42 -8.26 -14.85 3.55
CA SER A 42 -8.60 -16.09 2.88
C SER A 42 -10.03 -16.00 2.38
N LEU A 43 -10.33 -16.72 1.30
CA LEU A 43 -11.69 -16.80 0.80
C LEU A 43 -12.53 -17.73 1.67
N VAL A 44 -13.79 -17.37 1.86
CA VAL A 44 -14.66 -18.08 2.78
C VAL A 44 -15.55 -19.10 2.06
N GLU B 18 14.54 14.76 4.31
CA GLU B 18 14.59 13.32 4.49
C GLU B 18 13.20 12.75 4.77
N THR B 19 12.24 13.64 5.02
CA THR B 19 10.84 13.25 5.21
C THR B 19 9.92 14.08 4.33
N THR B 20 10.39 14.54 3.18
CA THR B 20 9.51 15.32 2.32
C THR B 20 8.37 14.44 1.79
N ASP B 21 7.19 15.05 1.66
CA ASP B 21 6.02 14.30 1.24
C ASP B 21 6.25 13.64 -0.12
N GLY B 22 5.65 12.47 -0.31
CA GLY B 22 5.73 11.79 -1.58
C GLY B 22 5.61 10.28 -1.38
N VAL B 23 5.70 9.57 -2.50
CA VAL B 23 5.72 8.11 -2.51
C VAL B 23 7.16 7.66 -2.71
N TYR B 24 7.55 6.62 -1.98
CA TYR B 24 8.93 6.17 -1.92
C TYR B 24 9.01 4.68 -2.19
N ARG B 25 10.10 4.26 -2.82
CA ARG B 25 10.45 2.85 -2.85
C ARG B 25 11.14 2.44 -1.56
N VAL B 26 10.85 1.23 -1.09
CA VAL B 26 11.56 0.63 0.04
C VAL B 26 12.49 -0.43 -0.52
N MET B 27 13.81 -0.21 -0.33
CA MET B 27 14.86 -1.01 -0.93
C MET B 27 15.68 -1.72 0.14
N THR B 28 16.27 -2.86 -0.23
CA THR B 28 17.30 -3.50 0.58
C THR B 28 18.56 -3.65 -0.25
N ARG B 29 19.71 -3.56 0.42
CA ARG B 29 21.00 -3.65 -0.25
C ARG B 29 21.86 -4.64 0.49
N ARG B 30 22.44 -5.58 -0.25
CA ARG B 30 23.37 -6.55 0.32
C ARG B 30 24.80 -6.15 0.00
N LEU B 31 25.63 -7.13 -0.37
CA LEU B 31 26.99 -6.82 -0.78
C LEU B 31 27.06 -6.30 -2.21
N LEU B 32 26.00 -6.45 -2.99
CA LEU B 32 25.96 -5.95 -4.36
C LEU B 32 24.52 -5.88 -4.82
N GLY B 33 24.13 -4.75 -5.38
CA GLY B 33 22.81 -4.61 -5.96
C GLY B 33 21.70 -4.49 -4.96
N SER B 34 20.69 -3.70 -5.28
CA SER B 34 19.54 -3.49 -4.43
C SER B 34 18.32 -4.22 -4.99
N THR B 35 17.39 -4.48 -4.09
CA THR B 35 16.11 -5.10 -4.41
C THR B 35 15.01 -4.24 -3.82
N GLN B 36 13.96 -3.99 -4.61
CA GLN B 36 12.80 -3.27 -4.09
C GLN B 36 11.87 -4.25 -3.40
N VAL B 37 11.69 -4.08 -2.08
CA VAL B 37 10.78 -4.95 -1.33
C VAL B 37 9.41 -4.33 -1.12
N GLY B 38 9.27 -3.02 -1.31
CA GLY B 38 7.98 -2.41 -1.11
C GLY B 38 7.98 -0.95 -1.48
N VAL B 39 6.93 -0.28 -1.01
CA VAL B 39 6.59 1.10 -1.34
C VAL B 39 5.96 1.69 -0.09
N GLY B 40 6.03 3.00 0.06
CA GLY B 40 5.32 3.60 1.17
C GLY B 40 5.06 5.07 0.92
N VAL B 41 4.38 5.71 1.87
CA VAL B 41 3.91 7.08 1.74
C VAL B 41 4.48 7.93 2.87
N MET B 42 5.12 9.04 2.51
CA MET B 42 5.54 10.04 3.47
C MET B 42 4.47 11.12 3.54
N GLN B 43 3.90 11.33 4.72
CA GLN B 43 2.95 12.40 4.91
C GLN B 43 3.04 12.90 6.33
N GLU B 44 3.10 14.23 6.48
CA GLU B 44 3.12 14.88 7.79
C GLU B 44 4.30 14.38 8.63
N GLY B 45 5.41 14.09 7.97
CA GLY B 45 6.61 13.62 8.65
C GLY B 45 6.57 12.19 9.11
N VAL B 46 5.56 11.42 8.70
CA VAL B 46 5.43 10.01 9.06
C VAL B 46 5.52 9.18 7.79
N PHE B 47 6.29 8.09 7.83
CA PHE B 47 6.35 7.16 6.72
C PHE B 47 5.39 6.00 7.00
N HIS B 48 4.58 5.67 6.00
CA HIS B 48 3.52 4.67 6.11
C HIS B 48 3.78 3.56 5.12
N THR B 49 3.83 2.31 5.58
CA THR B 49 4.00 1.19 4.66
C THR B 49 3.34 -0.05 5.28
N MET B 50 3.47 -1.17 4.59
CA MET B 50 2.85 -2.41 5.06
C MET B 50 3.86 -3.21 5.88
N TRP B 51 3.35 -3.87 6.93
CA TRP B 51 4.24 -4.54 7.87
C TRP B 51 5.08 -5.61 7.18
N HIS B 52 4.49 -6.38 6.25
CA HIS B 52 5.26 -7.45 5.64
C HIS B 52 6.39 -6.92 4.76
N VAL B 53 6.40 -5.64 4.43
CA VAL B 53 7.50 -5.05 3.67
C VAL B 53 8.76 -4.91 4.53
N THR B 54 8.63 -4.30 5.70
CA THR B 54 9.80 -3.98 6.51
C THR B 54 9.96 -4.86 7.74
N LYS B 55 8.91 -5.58 8.15
CA LYS B 55 8.89 -6.27 9.44
C LYS B 55 9.19 -5.31 10.60
N GLY B 56 8.89 -4.03 10.42
CA GLY B 56 9.13 -3.05 11.46
C GLY B 56 10.57 -2.62 11.61
N ALA B 57 11.43 -2.98 10.66
CA ALA B 57 12.83 -2.58 10.77
C ALA B 57 13.00 -1.08 10.50
N ALA B 58 14.02 -0.49 11.12
CA ALA B 58 14.33 0.92 10.90
C ALA B 58 14.69 1.16 9.43
N LEU B 59 14.43 2.38 8.97
CA LEU B 59 14.63 2.76 7.58
C LEU B 59 15.67 3.87 7.47
N ARG B 60 16.63 3.68 6.57
CA ARG B 60 17.57 4.73 6.23
C ARG B 60 16.91 5.67 5.21
N SER B 61 17.05 6.98 5.43
CA SER B 61 16.53 7.99 4.51
C SER B 61 17.63 9.01 4.30
N GLY B 62 18.28 8.94 3.15
CA GLY B 62 19.44 9.79 2.94
C GLY B 62 20.47 9.45 4.00
N GLU B 63 20.89 10.46 4.75
CA GLU B 63 21.83 10.26 5.85
C GLU B 63 21.13 9.98 7.18
N GLY B 64 19.80 10.02 7.22
CA GLY B 64 19.07 9.89 8.46
C GLY B 64 18.46 8.51 8.65
N ARG B 65 17.85 8.33 9.82
CA ARG B 65 17.28 7.05 10.22
C ARG B 65 15.85 7.27 10.68
N LEU B 66 14.92 6.49 10.13
CA LEU B 66 13.51 6.52 10.51
C LEU B 66 13.20 5.33 11.40
N ASP B 67 12.64 5.59 12.59
CA ASP B 67 12.41 4.51 13.52
C ASP B 67 10.94 4.12 13.57
N PRO B 68 10.63 2.83 13.73
CA PRO B 68 9.24 2.40 13.81
C PRO B 68 8.56 3.00 15.04
N TYR B 69 7.38 3.56 14.82
CA TYR B 69 6.58 4.19 15.86
C TYR B 69 5.38 3.35 16.27
N TRP B 70 4.71 2.73 15.31
CA TRP B 70 3.50 1.96 15.55
C TRP B 70 3.37 0.89 14.48
N GLY B 71 2.70 -0.20 14.82
CA GLY B 71 2.45 -1.21 13.81
C GLY B 71 1.43 -2.21 14.32
N ASP B 72 0.94 -3.03 13.39
CA ASP B 72 -0.05 -4.05 13.72
C ASP B 72 0.03 -5.13 12.65
N VAL B 73 0.50 -6.31 13.03
CA VAL B 73 0.67 -7.37 12.05
C VAL B 73 -0.68 -7.80 11.47
N LYS B 74 -1.76 -7.67 12.23
CA LYS B 74 -3.04 -8.13 11.73
C LYS B 74 -3.58 -7.21 10.64
N GLN B 75 -3.45 -5.89 10.84
CA GLN B 75 -3.73 -4.93 9.79
C GLN B 75 -2.67 -4.91 8.70
N ASP B 76 -1.50 -5.48 8.98
CA ASP B 76 -0.35 -5.48 8.05
C ASP B 76 0.14 -4.07 7.76
N LEU B 77 0.21 -3.23 8.79
CA LEU B 77 0.61 -1.83 8.64
C LEU B 77 1.70 -1.48 9.65
N VAL B 78 2.50 -0.47 9.30
CA VAL B 78 3.50 0.06 10.22
C VAL B 78 3.74 1.52 9.87
N SER B 79 3.92 2.36 10.88
CA SER B 79 4.32 3.74 10.66
C SER B 79 5.67 4.01 11.29
N TYR B 80 6.36 5.02 10.75
CA TYR B 80 7.68 5.46 11.20
C TYR B 80 7.64 6.93 11.57
N CYS B 81 8.28 7.28 12.69
CA CYS B 81 8.52 8.66 13.13
C CYS B 81 7.35 9.23 13.91
N GLY B 82 6.15 8.72 13.68
CA GLY B 82 4.97 9.20 14.34
C GLY B 82 3.78 8.29 14.12
N PRO B 83 2.62 8.66 14.66
CA PRO B 83 1.43 7.83 14.50
C PRO B 83 0.92 7.85 13.07
N TRP B 84 0.11 6.84 12.75
CA TRP B 84 -0.51 6.74 11.43
C TRP B 84 -1.30 8.01 11.12
N LYS B 85 -1.02 8.61 9.97
CA LYS B 85 -1.59 9.89 9.60
C LYS B 85 -2.66 9.82 8.51
N LEU B 86 -2.75 8.72 7.79
CA LEU B 86 -3.66 8.61 6.67
C LEU B 86 -5.05 8.20 7.17
N ASP B 87 -6.03 9.07 6.99
CA ASP B 87 -7.38 8.78 7.47
C ASP B 87 -8.48 8.94 6.41
N ALA B 88 -8.13 9.26 5.17
CA ALA B 88 -9.14 9.31 4.12
C ALA B 88 -9.70 7.92 3.87
N ALA B 89 -11.01 7.86 3.56
CA ALA B 89 -11.70 6.60 3.39
C ALA B 89 -12.35 6.55 2.01
N TRP B 90 -12.29 5.38 1.37
CA TRP B 90 -13.07 5.17 0.16
C TRP B 90 -14.54 5.39 0.47
N ASP B 91 -15.24 6.03 -0.45
CA ASP B 91 -16.65 6.35 -0.22
C ASP B 91 -17.59 5.19 -0.57
N GLY B 92 -17.05 4.02 -0.90
CA GLY B 92 -17.87 2.90 -1.29
C GLY B 92 -18.51 3.03 -2.65
N LEU B 93 -18.27 4.12 -3.36
CA LEU B 93 -19.00 4.42 -4.58
C LEU B 93 -18.12 4.80 -5.76
N SER B 94 -17.05 5.57 -5.51
CA SER B 94 -16.33 6.21 -6.60
C SER B 94 -15.14 5.36 -7.05
N GLU B 95 -14.74 5.57 -8.30
CA GLU B 95 -13.50 4.97 -8.76
C GLU B 95 -12.31 5.59 -8.03
N VAL B 96 -11.23 4.82 -7.96
CA VAL B 96 -10.01 5.19 -7.25
C VAL B 96 -8.84 5.01 -8.21
N GLN B 97 -7.65 5.44 -7.76
CA GLN B 97 -6.44 5.22 -8.55
C GLN B 97 -5.40 4.52 -7.69
N LEU B 98 -4.90 3.40 -8.20
CA LEU B 98 -3.69 2.80 -7.66
C LEU B 98 -2.50 3.58 -8.21
N LEU B 99 -1.70 4.17 -7.33
CA LEU B 99 -0.43 4.76 -7.73
C LEU B 99 0.64 3.67 -7.58
N ALA B 100 0.71 2.81 -8.60
CA ALA B 100 1.58 1.64 -8.54
C ALA B 100 3.04 2.04 -8.74
N VAL B 101 3.92 1.52 -7.89
CA VAL B 101 5.35 1.80 -8.02
C VAL B 101 6.03 0.44 -8.10
N PRO B 102 6.00 -0.24 -9.25
CA PRO B 102 6.56 -1.57 -9.34
C PRO B 102 8.07 -1.54 -9.40
N PRO B 103 8.75 -2.59 -8.94
CA PRO B 103 10.21 -2.61 -9.00
C PRO B 103 10.72 -2.42 -10.42
N GLY B 104 11.65 -1.48 -10.57
CA GLY B 104 12.27 -1.23 -11.86
C GLY B 104 11.44 -0.46 -12.85
N GLU B 105 10.27 0.03 -12.46
CA GLU B 105 9.37 0.73 -13.36
C GLU B 105 8.92 2.04 -12.72
N ARG B 106 8.64 3.03 -13.57
CA ARG B 106 8.22 4.32 -13.07
C ARG B 106 6.85 4.23 -12.42
N ALA B 107 6.57 5.15 -11.51
CA ALA B 107 5.26 5.19 -10.89
C ALA B 107 4.20 5.46 -11.95
N LYS B 108 3.08 4.75 -11.87
CA LYS B 108 2.00 4.89 -12.82
C LYS B 108 0.66 4.85 -12.10
N ASN B 109 -0.28 5.66 -12.57
CA ASN B 109 -1.63 5.68 -12.00
C ASN B 109 -2.52 4.72 -12.78
N ILE B 110 -3.25 3.89 -12.06
CA ILE B 110 -4.19 2.94 -12.64
C ILE B 110 -5.55 3.19 -12.01
N GLN B 111 -6.52 3.58 -12.81
CA GLN B 111 -7.85 3.89 -12.30
C GLN B 111 -8.73 2.65 -12.35
N THR B 112 -9.57 2.48 -11.33
CA THR B 112 -10.34 1.25 -11.21
C THR B 112 -11.54 1.49 -10.29
N LEU B 113 -12.58 0.67 -10.47
CA LEU B 113 -13.70 0.68 -9.54
C LEU B 113 -13.56 -0.46 -8.55
N PRO B 114 -13.42 -0.17 -7.26
CA PRO B 114 -13.14 -1.25 -6.30
C PRO B 114 -14.31 -2.19 -6.14
N GLY B 115 -13.98 -3.46 -5.95
CA GLY B 115 -14.91 -4.42 -5.38
C GLY B 115 -14.90 -4.30 -3.88
N ILE B 116 -15.36 -5.37 -3.22
CA ILE B 116 -15.52 -5.37 -1.77
C ILE B 116 -15.08 -6.71 -1.21
N PHE B 117 -14.29 -6.66 -0.14
CA PHE B 117 -14.15 -7.77 0.80
C PHE B 117 -15.28 -7.69 1.82
N LYS B 118 -16.12 -8.72 1.88
CA LYS B 118 -17.16 -8.83 2.90
C LYS B 118 -16.63 -9.69 4.03
N THR B 119 -16.53 -9.09 5.22
CA THR B 119 -15.99 -9.80 6.37
C THR B 119 -17.01 -9.75 7.49
N LYS B 120 -16.84 -10.66 8.45
CA LYS B 120 -17.72 -10.67 9.62
C LYS B 120 -17.65 -9.35 10.38
N ASP B 121 -16.59 -8.57 10.18
CA ASP B 121 -16.39 -7.32 10.89
C ASP B 121 -16.58 -6.10 9.99
N GLY B 122 -17.31 -6.24 8.90
CA GLY B 122 -17.61 -5.13 8.01
C GLY B 122 -16.94 -5.29 6.66
N ASP B 123 -17.31 -4.40 5.75
CA ASP B 123 -16.85 -4.46 4.37
C ASP B 123 -15.60 -3.60 4.19
N ILE B 124 -14.70 -4.07 3.32
CA ILE B 124 -13.49 -3.36 2.94
C ILE B 124 -13.43 -3.29 1.43
N GLY B 125 -13.25 -2.08 0.89
CA GLY B 125 -12.99 -1.95 -0.53
C GLY B 125 -11.79 -2.77 -0.95
N ALA B 126 -11.79 -3.19 -2.21
CA ALA B 126 -10.72 -4.07 -2.69
C ALA B 126 -10.50 -3.87 -4.18
N VAL B 127 -9.24 -3.89 -4.61
CA VAL B 127 -8.91 -3.59 -6.00
C VAL B 127 -8.35 -4.82 -6.69
N ALA B 128 -8.89 -5.11 -7.87
CA ALA B 128 -8.51 -6.29 -8.64
C ALA B 128 -7.44 -5.92 -9.66
N LEU B 129 -6.23 -5.74 -9.14
CA LEU B 129 -5.07 -5.31 -9.91
C LEU B 129 -3.89 -6.14 -9.44
N ASP B 130 -3.07 -6.60 -10.39
CA ASP B 130 -2.02 -7.58 -10.13
C ASP B 130 -0.65 -6.99 -10.45
N TYR B 131 0.22 -6.97 -9.46
CA TYR B 131 1.56 -6.39 -9.56
C TYR B 131 2.51 -7.26 -8.75
N PRO B 132 3.83 -7.12 -8.99
CA PRO B 132 4.81 -7.94 -8.26
C PRO B 132 4.83 -7.62 -6.77
N ALA B 133 5.29 -8.61 -6.01
CA ALA B 133 5.42 -8.50 -4.55
C ALA B 133 5.98 -7.15 -4.08
N GLY B 134 7.03 -6.68 -4.75
CA GLY B 134 7.67 -5.42 -4.34
C GLY B 134 6.87 -4.18 -4.59
N THR B 135 5.67 -4.31 -5.18
CA THR B 135 4.76 -3.18 -5.29
C THR B 135 3.97 -2.95 -4.00
N SER B 136 4.05 -3.89 -3.06
CA SER B 136 3.38 -3.77 -1.76
C SER B 136 3.65 -2.41 -1.13
N GLY B 137 2.57 -1.78 -0.64
CA GLY B 137 2.64 -0.48 -0.03
C GLY B 137 2.28 0.67 -0.94
N SER B 138 2.07 0.41 -2.23
CA SER B 138 1.69 1.48 -3.14
C SER B 138 0.36 2.08 -2.70
N PRO B 139 0.23 3.40 -2.74
CA PRO B 139 -0.97 4.05 -2.21
C PRO B 139 -2.11 4.02 -3.20
N ILE B 140 -3.31 3.93 -2.64
CA ILE B 140 -4.55 4.01 -3.39
C ILE B 140 -5.18 5.37 -3.10
N LEU B 141 -5.58 6.09 -4.15
CA LEU B 141 -5.97 7.49 -4.04
C LEU B 141 -7.45 7.67 -4.34
N ASP B 142 -8.05 8.67 -3.69
CA ASP B 142 -9.35 9.16 -4.12
C ASP B 142 -9.15 10.30 -5.11
N LYS B 143 -10.26 10.89 -5.57
CA LYS B 143 -10.20 11.89 -6.62
C LYS B 143 -9.52 13.18 -6.17
N CYS B 144 -9.45 13.44 -4.87
CA CYS B 144 -8.75 14.59 -4.34
C CYS B 144 -7.26 14.31 -4.08
N GLY B 145 -6.77 13.14 -4.48
CA GLY B 145 -5.39 12.79 -4.27
C GLY B 145 -5.07 12.27 -2.88
N ARG B 146 -6.04 12.17 -1.99
CA ARG B 146 -5.80 11.66 -0.65
C ARG B 146 -5.64 10.14 -0.68
N VAL B 147 -4.82 9.64 0.23
CA VAL B 147 -4.51 8.21 0.28
C VAL B 147 -5.58 7.52 1.14
N ILE B 148 -6.41 6.70 0.49
CA ILE B 148 -7.47 5.98 1.19
C ILE B 148 -7.01 4.60 1.65
N GLY B 149 -5.77 4.22 1.37
CA GLY B 149 -5.27 2.94 1.80
C GLY B 149 -4.04 2.55 1.02
N LEU B 150 -3.45 1.42 1.43
CA LEU B 150 -2.27 0.87 0.79
C LEU B 150 -2.59 -0.47 0.14
N TYR B 151 -1.97 -0.71 -1.01
CA TYR B 151 -2.14 -1.91 -1.81
C TYR B 151 -1.16 -3.00 -1.39
N GLY B 152 -1.62 -4.26 -1.36
CA GLY B 152 -0.65 -5.33 -1.20
C GLY B 152 -0.95 -6.43 -0.21
N ASN B 153 -2.11 -6.39 0.45
CA ASN B 153 -2.55 -7.52 1.27
C ASN B 153 -3.90 -7.96 0.74
N GLY B 154 -3.98 -9.18 0.25
CA GLY B 154 -5.19 -9.60 -0.41
C GLY B 154 -5.30 -11.09 -0.56
N VAL B 155 -6.04 -11.50 -1.59
CA VAL B 155 -6.31 -12.91 -1.85
C VAL B 155 -6.07 -13.21 -3.33
N VAL B 156 -5.90 -14.49 -3.61
CA VAL B 156 -5.82 -15.02 -4.97
C VAL B 156 -7.10 -15.80 -5.25
N ILE B 157 -7.75 -15.48 -6.38
CA ILE B 157 -9.00 -16.14 -6.73
C ILE B 157 -8.75 -17.29 -7.72
N LYS B 158 -9.83 -17.95 -8.14
CA LYS B 158 -9.71 -19.25 -8.81
C LYS B 158 -8.95 -19.17 -10.13
N ASN B 159 -9.01 -18.05 -10.85
CA ASN B 159 -8.33 -17.94 -12.14
C ASN B 159 -6.88 -17.48 -11.98
N GLY B 160 -6.40 -17.37 -10.76
CA GLY B 160 -5.02 -17.01 -10.48
C GLY B 160 -4.78 -15.54 -10.28
N SER B 161 -5.76 -14.68 -10.58
CA SER B 161 -5.56 -13.24 -10.42
C SER B 161 -5.69 -12.86 -8.96
N TYR B 162 -5.52 -11.57 -8.69
CA TYR B 162 -5.31 -11.05 -7.34
C TYR B 162 -6.34 -9.99 -7.03
N VAL B 163 -6.71 -9.90 -5.76
CA VAL B 163 -7.57 -8.82 -5.28
C VAL B 163 -6.94 -8.31 -3.98
N SER B 164 -6.57 -7.04 -3.96
CA SER B 164 -5.97 -6.41 -2.78
C SER B 164 -7.02 -5.67 -1.96
N ALA B 165 -6.96 -5.85 -0.65
CA ALA B 165 -7.73 -4.96 0.22
C ALA B 165 -7.20 -3.55 0.07
N ILE B 166 -8.08 -2.57 0.23
CA ILE B 166 -7.68 -1.18 0.41
C ILE B 166 -7.42 -1.06 1.90
N THR B 167 -6.17 -1.32 2.31
CA THR B 167 -5.85 -1.36 3.73
C THR B 167 -5.59 0.04 4.25
N GLN B 168 -6.43 0.49 5.19
CA GLN B 168 -6.26 1.79 5.82
C GLN B 168 -6.16 1.62 7.32
N GLY B 169 -5.27 2.41 7.93
CA GLY B 169 -5.10 2.40 9.37
C GLY B 169 -6.01 3.38 10.07
N LYS B 170 -5.80 3.50 11.38
CA LYS B 170 -6.58 4.39 12.22
C LYS B 170 -5.69 5.52 12.73
N ARG B 171 -6.21 6.75 12.66
CA ARG B 171 -5.53 7.89 13.24
C ARG B 171 -6.21 8.35 14.52
#